data_8PS7
#
_entry.id   8PS7
#
_cell.length_a   51.684
_cell.length_b   78.242
_cell.length_c   70.365
_cell.angle_alpha   90.00
_cell.angle_beta   90.40
_cell.angle_gamma   90.00
#
_symmetry.space_group_name_H-M   'P 1 21 1'
#
loop_
_entity.id
_entity.type
_entity.pdbx_description
1 polymer 'LysM-domain receptor-like kinase'
2 non-polymer GLYCEROL
3 non-polymer 'SULFATE ION'
4 non-polymer 'PHOSPHOAMINOPHOSPHONIC ACID-ADENYLATE ESTER'
5 water water
#
_entity_poly.entity_id   1
_entity_poly.type   'polypeptide(L)'
_entity_poly.pdbx_seq_one_letter_code
;SLTVYKYEDLQNATNFFSEENKIKGSVYRASFKGDDAAVKILKGDVSSEINILKRINHANIIRLSGFCVYKGNTYLVYEF
AENNSLDDWLHSEKNKDKNYSNSMCLSWFQRVQIAHDVADALNYLHNYANPPHVHKNLKSGNILLDGKFRGKVSNFGLAR
VMENEGGDEGFQLTRHVIGTQGYMAPEYIENGLITPKMDVFAFGVVILELLSGREVVGSDKSNGLGDQLLASTVNQVLEG
DNVREKLRGFMDPNLRDEYPLDLAFSMAEIAKRCVARDLNSRPNVSEVFMILSKIQS
;
_entity_poly.pdbx_strand_id   A,B
#
# COMPACT_ATOMS: atom_id res chain seq x y z
N SER A 1 11.40 9.89 -3.08
CA SER A 1 12.22 11.01 -2.61
C SER A 1 11.54 11.70 -1.43
N LEU A 2 10.34 11.25 -1.08
CA LEU A 2 9.58 11.77 0.07
C LEU A 2 9.46 13.28 -0.10
N THR A 3 9.78 14.08 0.92
CA THR A 3 9.71 15.53 0.84
C THR A 3 10.90 16.09 1.62
N VAL A 4 11.86 16.69 0.91
CA VAL A 4 13.06 17.23 1.53
C VAL A 4 12.70 18.50 2.29
N TYR A 5 13.11 18.56 3.55
CA TYR A 5 12.75 19.65 4.46
C TYR A 5 13.96 20.53 4.75
N LYS A 6 13.71 21.82 4.90
CA LYS A 6 14.70 22.77 5.37
C LYS A 6 14.65 22.81 6.89
N TYR A 7 15.81 22.67 7.53
CA TYR A 7 15.86 22.67 8.99
C TYR A 7 15.14 23.89 9.58
N GLU A 8 15.21 25.04 8.89
CA GLU A 8 14.52 26.24 9.37
C GLU A 8 13.03 25.96 9.60
N ASP A 9 12.36 25.42 8.59
CA ASP A 9 10.94 25.13 8.72
C ASP A 9 10.65 24.21 9.90
N LEU A 10 11.64 23.40 10.30
CA LEU A 10 11.44 22.51 11.44
C LEU A 10 11.56 23.27 12.76
N GLN A 11 12.57 24.13 12.88
CA GLN A 11 12.69 24.98 14.07
C GLN A 11 11.40 25.75 14.33
N ASN A 12 10.89 26.42 13.31
CA ASN A 12 9.71 27.26 13.49
C ASN A 12 8.47 26.44 13.85
N ALA A 13 8.33 25.26 13.25
CA ALA A 13 7.18 24.42 13.55
C ALA A 13 7.23 23.90 14.98
N THR A 14 8.44 23.63 15.49
CA THR A 14 8.63 23.09 16.83
C THR A 14 8.98 24.15 17.85
N ASN A 15 8.78 25.43 17.51
CA ASN A 15 9.18 26.53 18.38
C ASN A 15 10.63 26.37 18.83
N PHE A 16 11.50 26.07 17.87
CA PHE A 16 12.90 25.81 18.16
C PHE A 16 13.05 24.70 19.19
N PHE A 17 12.20 23.68 19.05
CA PHE A 17 12.21 22.52 19.94
C PHE A 17 12.04 22.97 21.40
N SER A 18 10.93 23.67 21.63
CA SER A 18 10.68 24.41 22.87
C SER A 18 9.82 23.62 23.85
N GLU A 19 10.20 22.39 24.21
CA GLU A 19 9.36 21.53 25.05
C GLU A 19 7.93 21.47 24.52
N GLU A 20 7.77 21.67 23.21
CA GLU A 20 6.66 21.14 22.43
C GLU A 20 6.82 19.65 22.20
N ASN A 21 7.81 19.04 22.85
CA ASN A 21 8.15 17.65 22.61
C ASN A 21 7.08 16.73 23.18
N LYS A 22 6.75 15.69 22.44
CA LYS A 22 6.10 14.54 23.04
C LYS A 22 7.08 13.87 24.01
N ILE A 23 6.63 12.78 24.64
CA ILE A 23 7.39 12.17 25.72
C ILE A 23 8.83 11.90 25.29
N LYS A 24 8.99 11.14 24.20
CA LYS A 24 10.34 10.79 23.74
C LYS A 24 11.17 12.04 23.52
N GLY A 25 12.41 12.01 24.01
CA GLY A 25 13.31 13.13 23.81
C GLY A 25 13.50 13.50 22.36
N SER A 26 13.49 12.52 21.46
CA SER A 26 13.66 12.75 20.02
C SER A 26 12.36 13.08 19.30
N VAL A 27 11.23 12.98 19.98
CA VAL A 27 9.92 13.13 19.35
C VAL A 27 9.35 14.49 19.71
N TYR A 28 9.14 15.33 18.69
CA TYR A 28 8.53 16.65 18.85
C TYR A 28 7.31 16.76 17.95
N ARG A 29 6.39 17.63 18.36
CA ARG A 29 5.21 17.96 17.55
C ARG A 29 5.51 19.21 16.73
N ALA A 30 5.35 19.09 15.42
CA ALA A 30 5.54 20.21 14.50
C ALA A 30 4.17 20.66 14.00
N SER A 31 3.83 21.91 14.29
CA SER A 31 2.58 22.51 13.84
C SER A 31 2.91 23.46 12.70
N PHE A 32 2.49 23.10 11.48
CA PHE A 32 2.85 23.88 10.31
C PHE A 32 2.11 23.32 9.11
N LYS A 33 1.98 24.16 8.08
CA LYS A 33 1.38 23.76 6.81
C LYS A 33 -0.02 23.19 7.01
N GLY A 34 -0.75 23.73 7.98
CA GLY A 34 -2.07 23.22 8.30
C GLY A 34 -2.04 21.88 9.00
N ASP A 35 -1.60 20.84 8.27
CA ASP A 35 -1.54 19.49 8.80
C ASP A 35 -0.34 19.36 9.72
N ASP A 36 -0.58 18.96 10.97
CA ASP A 36 0.50 18.80 11.93
C ASP A 36 1.32 17.55 11.62
N ALA A 37 2.48 17.46 12.26
CA ALA A 37 3.39 16.34 12.05
C ALA A 37 4.18 16.09 13.32
N ALA A 38 4.95 15.02 13.30
CA ALA A 38 5.85 14.67 14.40
C ALA A 38 7.27 14.60 13.86
N VAL A 39 8.20 15.25 14.55
CA VAL A 39 9.60 15.29 14.16
C VAL A 39 10.40 14.43 15.12
N LYS A 40 11.19 13.52 14.57
CA LYS A 40 12.07 12.65 15.34
C LYS A 40 13.52 13.00 15.00
N ILE A 41 14.29 13.38 16.03
CA ILE A 41 15.70 13.71 15.85
C ILE A 41 16.52 12.44 16.05
N LEU A 42 17.44 12.18 15.13
CA LEU A 42 18.29 11.00 15.20
C LEU A 42 19.74 11.39 14.95
N LYS A 43 20.65 10.79 15.70
CA LYS A 43 22.06 11.11 15.60
C LYS A 43 22.66 10.56 14.30
N GLY A 44 23.52 11.34 13.68
CA GLY A 44 24.20 10.93 12.47
C GLY A 44 23.29 10.84 11.26
N ASP A 45 23.88 10.74 10.07
CA ASP A 45 23.10 10.62 8.84
C ASP A 45 22.59 9.18 8.72
N VAL A 46 21.29 9.00 8.91
CA VAL A 46 20.67 7.69 8.77
C VAL A 46 19.93 7.65 7.44
N SER A 47 20.42 8.42 6.46
CA SER A 47 19.76 8.48 5.16
C SER A 47 19.73 7.12 4.48
N SER A 48 20.80 6.33 4.65
CA SER A 48 20.88 5.03 3.98
C SER A 48 19.77 4.11 4.45
N GLU A 49 19.46 4.10 5.75
CA GLU A 49 18.41 3.23 6.25
C GLU A 49 17.04 3.65 5.75
N ILE A 50 16.83 4.96 5.55
CA ILE A 50 15.54 5.45 5.09
C ILE A 50 15.28 5.02 3.65
N ASN A 51 16.30 5.11 2.79
CA ASN A 51 16.14 4.73 1.40
C ASN A 51 15.71 3.28 1.23
N ILE A 52 15.91 2.45 2.25
CA ILE A 52 15.44 1.07 2.24
C ILE A 52 14.08 0.94 2.90
N LEU A 53 13.94 1.49 4.12
CA LEU A 53 12.69 1.37 4.86
C LEU A 53 11.58 2.25 4.28
N LYS A 54 11.93 3.27 3.49
CA LYS A 54 10.89 4.11 2.89
C LYS A 54 10.00 3.34 1.93
N ARG A 55 10.36 2.11 1.58
CA ARG A 55 9.49 1.29 0.75
C ARG A 55 8.19 0.94 1.49
N ILE A 56 8.23 0.94 2.82
CA ILE A 56 7.10 0.52 3.65
C ILE A 56 6.17 1.71 3.82
N ASN A 57 5.05 1.72 3.08
CA ASN A 57 4.01 2.72 3.25
C ASN A 57 2.66 2.02 3.21
N HIS A 58 1.78 2.38 4.14
CA HIS A 58 0.50 1.71 4.30
C HIS A 58 -0.42 2.59 5.12
N ALA A 59 -1.73 2.47 4.86
CA ALA A 59 -2.71 3.34 5.51
C ALA A 59 -2.69 3.19 7.01
N ASN A 60 -2.29 2.01 7.52
CA ASN A 60 -2.25 1.75 8.95
C ASN A 60 -0.83 1.67 9.49
N ILE A 61 0.13 2.24 8.77
CA ILE A 61 1.51 2.38 9.23
C ILE A 61 1.85 3.85 9.26
N ILE A 62 2.54 4.28 10.32
CA ILE A 62 2.85 5.69 10.48
C ILE A 62 3.64 6.18 9.25
N ARG A 63 3.06 7.13 8.53
CA ARG A 63 3.61 7.55 7.24
C ARG A 63 4.75 8.54 7.43
N LEU A 64 5.79 8.39 6.61
CA LEU A 64 6.97 9.26 6.65
C LEU A 64 6.83 10.32 5.56
N SER A 65 6.69 11.58 5.98
CA SER A 65 6.61 12.66 5.01
C SER A 65 7.96 12.89 4.33
N GLY A 66 9.02 12.99 5.12
CA GLY A 66 10.34 13.22 4.56
C GLY A 66 11.36 13.26 5.69
N PHE A 67 12.57 13.69 5.33
CA PHE A 67 13.65 13.77 6.29
C PHE A 67 14.53 14.98 5.97
N CYS A 68 15.38 15.31 6.94
CA CYS A 68 16.30 16.44 6.82
C CYS A 68 17.56 16.11 7.59
N VAL A 69 18.71 16.25 6.94
CA VAL A 69 20.01 16.04 7.57
C VAL A 69 20.65 17.42 7.76
N TYR A 70 20.89 17.79 9.01
CA TYR A 70 21.44 19.10 9.34
C TYR A 70 22.47 18.95 10.44
N LYS A 71 23.73 19.27 10.11
CA LYS A 71 24.82 19.29 11.07
C LYS A 71 24.94 17.95 11.81
N GLY A 72 25.07 16.89 11.02
CA GLY A 72 25.35 15.57 11.56
C GLY A 72 24.18 14.86 12.20
N ASN A 73 22.96 15.37 12.07
CA ASN A 73 21.78 14.74 12.63
C ASN A 73 20.69 14.65 11.58
N THR A 74 19.86 13.62 11.70
CA THR A 74 18.74 13.39 10.79
C THR A 74 17.44 13.67 11.51
N TYR A 75 16.61 14.52 10.91
CA TYR A 75 15.29 14.85 11.44
C TYR A 75 14.24 14.26 10.51
N LEU A 76 13.46 13.31 11.03
CA LEU A 76 12.42 12.65 10.26
C LEU A 76 11.06 13.22 10.66
N VAL A 77 10.20 13.44 9.66
CA VAL A 77 8.88 14.03 9.85
C VAL A 77 7.84 13.00 9.46
N TYR A 78 7.06 12.54 10.43
CA TYR A 78 5.98 11.59 10.22
C TYR A 78 4.64 12.29 10.32
N GLU A 79 3.60 11.61 9.86
CA GLU A 79 2.25 12.11 10.06
C GLU A 79 1.92 12.11 11.55
N PHE A 80 1.36 13.20 12.03
CA PHE A 80 1.01 13.30 13.45
C PHE A 80 -0.20 12.44 13.75
N ALA A 81 -0.11 11.65 14.81
CA ALA A 81 -1.20 10.77 15.25
C ALA A 81 -1.75 11.33 16.54
N GLU A 82 -2.84 12.09 16.44
CA GLU A 82 -3.56 12.51 17.63
C GLU A 82 -4.26 11.30 18.25
N ASN A 83 -4.39 11.34 19.58
CA ASN A 83 -4.96 10.27 20.42
C ASN A 83 -3.89 9.26 20.80
N ASN A 84 -2.64 9.54 20.47
CA ASN A 84 -1.46 8.95 21.10
C ASN A 84 -1.41 7.44 20.80
N SER A 85 -1.13 6.60 21.79
CA SER A 85 -0.87 5.19 21.63
C SER A 85 -1.99 4.38 22.28
N LEU A 86 -2.18 3.15 21.79
CA LEU A 86 -3.20 2.28 22.35
C LEU A 86 -2.97 2.05 23.84
N ASP A 87 -1.71 1.90 24.26
CA ASP A 87 -1.41 1.71 25.68
C ASP A 87 -2.02 2.83 26.52
N ASP A 88 -1.88 4.08 26.08
CA ASP A 88 -2.46 5.20 26.82
C ASP A 88 -3.95 5.01 27.05
N TRP A 89 -4.66 4.53 26.03
CA TRP A 89 -6.11 4.39 26.15
C TRP A 89 -6.51 3.15 26.95
N LEU A 90 -5.81 2.03 26.74
CA LEU A 90 -6.16 0.80 27.44
C LEU A 90 -5.75 0.82 28.91
N HIS A 91 -4.85 1.72 29.31
CA HIS A 91 -4.32 1.75 30.67
C HIS A 91 -4.43 3.15 31.26
N SER A 92 -5.65 3.70 31.20
CA SER A 92 -5.90 5.04 31.72
C SER A 92 -7.32 5.14 32.28
N MET A 104 -12.66 8.91 28.13
CA MET A 104 -13.26 7.96 27.20
C MET A 104 -12.54 6.61 27.23
N CYS A 105 -13.28 5.55 26.97
CA CYS A 105 -12.73 4.21 26.83
C CYS A 105 -13.07 3.67 25.45
N LEU A 106 -12.16 2.86 24.91
CA LEU A 106 -12.36 2.29 23.58
C LEU A 106 -13.50 1.28 23.61
N SER A 107 -14.52 1.51 22.79
CA SER A 107 -15.63 0.58 22.70
C SER A 107 -15.19 -0.72 22.01
N TRP A 108 -16.11 -1.69 21.98
CA TRP A 108 -15.83 -2.95 21.31
C TRP A 108 -15.54 -2.73 19.82
N PHE A 109 -16.42 -1.98 19.15
CA PHE A 109 -16.21 -1.69 17.73
C PHE A 109 -14.83 -1.10 17.49
N GLN A 110 -14.45 -0.09 18.27
CA GLN A 110 -13.15 0.53 18.10
C GLN A 110 -12.01 -0.47 18.31
N ARG A 111 -12.11 -1.28 19.37
CA ARG A 111 -11.06 -2.25 19.64
C ARG A 111 -10.91 -3.23 18.48
N VAL A 112 -12.03 -3.65 17.89
CA VAL A 112 -11.96 -4.54 16.73
C VAL A 112 -11.37 -3.82 15.53
N GLN A 113 -11.75 -2.57 15.32
CA GLN A 113 -11.18 -1.80 14.22
C GLN A 113 -9.67 -1.69 14.36
N ILE A 114 -9.17 -1.42 15.57
CA ILE A 114 -7.74 -1.26 15.76
C ILE A 114 -7.00 -2.57 15.51
N ALA A 115 -7.54 -3.67 16.02
CA ALA A 115 -6.94 -4.97 15.74
C ALA A 115 -6.91 -5.24 14.24
N HIS A 116 -7.93 -4.79 13.51
CA HIS A 116 -7.98 -5.03 12.07
C HIS A 116 -6.94 -4.22 11.32
N ASP A 117 -6.78 -2.94 11.69
CA ASP A 117 -5.77 -2.11 11.04
C ASP A 117 -4.37 -2.69 11.25
N VAL A 118 -4.10 -3.20 12.45
CA VAL A 118 -2.78 -3.76 12.74
C VAL A 118 -2.57 -5.04 11.94
N ALA A 119 -3.58 -5.92 11.90
CA ALA A 119 -3.49 -7.11 11.06
C ALA A 119 -3.32 -6.73 9.60
N ASP A 120 -3.98 -5.64 9.18
CA ASP A 120 -3.83 -5.16 7.81
C ASP A 120 -2.40 -4.72 7.53
N ALA A 121 -1.76 -4.07 8.51
CA ALA A 121 -0.37 -3.64 8.32
C ALA A 121 0.58 -4.81 8.43
N LEU A 122 0.37 -5.70 9.39
CA LEU A 122 1.22 -6.88 9.50
C LEU A 122 1.10 -7.77 8.26
N ASN A 123 -0.08 -7.82 7.66
CA ASN A 123 -0.25 -8.57 6.41
C ASN A 123 0.58 -7.96 5.28
N TYR A 124 0.60 -6.63 5.19
CA TYR A 124 1.40 -5.96 4.17
C TYR A 124 2.89 -6.16 4.43
N LEU A 125 3.32 -6.04 5.68
CA LEU A 125 4.74 -6.16 6.00
C LEU A 125 5.27 -7.54 5.68
N HIS A 126 4.48 -8.58 5.97
CA HIS A 126 4.97 -9.95 5.86
C HIS A 126 4.90 -10.51 4.46
N ASN A 127 4.06 -9.95 3.59
CA ASN A 127 3.79 -10.59 2.30
C ASN A 127 4.02 -9.66 1.12
N TYR A 128 3.53 -8.42 1.21
CA TYR A 128 3.48 -7.55 0.05
C TYR A 128 4.41 -6.34 0.14
N ALA A 129 5.05 -6.11 1.28
CA ALA A 129 6.18 -5.21 1.30
C ALA A 129 7.26 -5.77 0.37
N ASN A 130 7.90 -4.88 -0.39
CA ASN A 130 8.87 -5.28 -1.40
C ASN A 130 10.27 -4.87 -0.97
N PRO A 131 11.02 -5.72 -0.27
CA PRO A 131 10.68 -7.09 0.16
C PRO A 131 9.99 -7.13 1.51
N PRO A 132 9.53 -8.31 1.95
CA PRO A 132 8.87 -8.41 3.26
C PRO A 132 9.80 -7.98 4.38
N HIS A 133 9.19 -7.53 5.47
CA HIS A 133 9.92 -6.98 6.61
C HIS A 133 9.27 -7.45 7.90
N VAL A 134 10.08 -7.90 8.85
CA VAL A 134 9.59 -8.32 10.16
C VAL A 134 9.69 -7.13 11.12
N HIS A 135 8.59 -6.85 11.82
CA HIS A 135 8.54 -5.69 12.70
C HIS A 135 9.49 -5.85 13.88
N LYS A 136 9.24 -6.85 14.73
CA LYS A 136 10.04 -7.24 15.89
C LYS A 136 9.72 -6.42 17.13
N ASN A 137 8.94 -5.34 17.03
CA ASN A 137 8.75 -4.43 18.15
C ASN A 137 7.29 -3.97 18.22
N LEU A 138 6.36 -4.88 17.96
CA LEU A 138 4.94 -4.52 17.98
C LEU A 138 4.44 -4.51 19.43
N LYS A 139 4.03 -3.34 19.90
CA LYS A 139 3.54 -3.17 21.25
C LYS A 139 2.38 -2.19 21.25
N SER A 140 1.57 -2.24 22.31
CA SER A 140 0.47 -1.29 22.44
C SER A 140 0.98 0.14 22.44
N GLY A 141 2.14 0.38 23.06
CA GLY A 141 2.72 1.71 23.08
C GLY A 141 3.22 2.19 21.75
N ASN A 142 3.49 1.26 20.81
CA ASN A 142 3.93 1.62 19.47
C ASN A 142 2.79 1.77 18.48
N ILE A 143 1.62 1.23 18.81
CA ILE A 143 0.45 1.30 17.93
C ILE A 143 -0.24 2.63 18.18
N LEU A 144 -0.07 3.57 17.25
CA LEU A 144 -0.68 4.88 17.39
C LEU A 144 -2.11 4.86 16.85
N LEU A 145 -2.84 5.90 17.19
CA LEU A 145 -4.22 6.10 16.75
C LEU A 145 -4.34 7.47 16.12
N ASP A 146 -5.19 7.59 15.11
CA ASP A 146 -5.41 8.88 14.47
C ASP A 146 -6.69 9.51 15.02
N GLY A 147 -7.20 10.53 14.33
CA GLY A 147 -8.39 11.22 14.81
C GLY A 147 -9.63 10.33 14.84
N LYS A 148 -9.69 9.34 13.95
CA LYS A 148 -10.77 8.36 13.95
C LYS A 148 -10.37 7.08 14.66
N PHE A 149 -9.37 7.14 15.53
CA PHE A 149 -8.97 6.00 16.37
C PHE A 149 -8.63 4.78 15.53
N ARG A 150 -7.91 5.01 14.44
CA ARG A 150 -7.43 3.94 13.58
C ARG A 150 -5.95 3.71 13.84
N GLY A 151 -5.52 2.46 13.68
CA GLY A 151 -4.18 2.06 14.08
C GLY A 151 -3.11 2.55 13.11
N LYS A 152 -1.96 2.91 13.67
CA LYS A 152 -0.81 3.39 12.90
C LYS A 152 0.45 2.84 13.55
N VAL A 153 0.97 1.74 13.00
CA VAL A 153 2.19 1.15 13.54
C VAL A 153 3.35 2.14 13.37
N SER A 154 4.31 2.08 14.29
CA SER A 154 5.35 3.10 14.32
C SER A 154 6.77 2.56 14.43
N ASN A 155 7.14 2.02 15.60
CA ASN A 155 8.54 1.71 15.90
C ASN A 155 8.95 0.38 15.27
N PHE A 156 8.96 0.37 13.94
CA PHE A 156 9.31 -0.83 13.19
C PHE A 156 10.74 -0.84 12.65
N GLY A 157 11.49 0.24 12.80
CA GLY A 157 12.84 0.26 12.28
C GLY A 157 13.71 1.40 12.79
N LEU A 158 14.99 1.11 13.04
CA LEU A 158 15.95 2.11 13.48
C LEU A 158 15.68 2.59 14.90
N ALA A 159 14.43 2.49 15.34
CA ALA A 159 14.07 2.75 16.73
C ALA A 159 14.13 1.49 17.59
N ARG A 160 14.34 0.32 16.99
CA ARG A 160 14.54 -0.90 17.75
C ARG A 160 15.92 -0.91 18.40
N VAL A 161 16.04 -1.65 19.50
CA VAL A 161 17.09 -1.38 20.49
C VAL A 161 18.48 -1.53 19.87
N MET A 162 18.71 -2.63 19.16
CA MET A 162 19.99 -2.86 18.51
C MET A 162 19.95 -2.65 17.00
N GLU A 163 18.83 -2.20 16.45
CA GLU A 163 18.82 -1.81 15.04
C GLU A 163 19.55 -0.50 14.82
N ASN A 164 19.50 0.42 15.79
CA ASN A 164 20.23 1.67 15.66
C ASN A 164 21.72 1.43 15.45
N GLU A 165 22.26 1.99 14.37
CA GLU A 165 23.69 1.89 14.11
C GLU A 165 24.48 2.62 15.18
N GLY A 166 24.17 3.90 15.41
CA GLY A 166 24.67 4.58 16.59
C GLY A 166 24.06 4.01 17.84
N GLY A 167 24.82 3.19 18.56
CA GLY A 167 24.38 2.66 19.83
C GLY A 167 24.15 3.78 20.84
N ASP A 168 23.62 3.40 22.00
CA ASP A 168 23.24 4.38 22.99
C ASP A 168 23.50 3.88 24.40
N GLU A 169 23.74 4.83 25.30
CA GLU A 169 23.81 4.58 26.73
C GLU A 169 22.76 5.37 27.52
N GLY A 170 21.98 6.21 26.85
CA GLY A 170 20.81 6.82 27.46
C GLY A 170 19.63 5.89 27.35
N PHE A 171 19.77 4.69 27.90
CA PHE A 171 18.89 3.56 27.64
C PHE A 171 18.23 3.11 28.93
N GLN A 172 16.92 2.85 28.85
CA GLN A 172 16.14 2.39 30.01
C GLN A 172 16.11 0.86 29.98
N LEU A 173 17.00 0.25 30.76
CA LEU A 173 17.13 -1.21 30.73
C LEU A 173 15.89 -1.89 31.30
N THR A 174 15.47 -1.50 32.51
CA THR A 174 14.31 -2.13 33.13
C THR A 174 13.08 -2.07 32.25
N ARG A 175 12.96 -1.03 31.43
CA ARG A 175 11.78 -0.85 30.60
C ARG A 175 11.83 -1.75 29.35
N HIS A 176 12.98 -1.77 28.67
CA HIS A 176 13.14 -2.67 27.53
C HIS A 176 12.94 -4.12 27.92
N VAL A 177 13.30 -4.48 29.15
CA VAL A 177 13.19 -5.87 29.59
C VAL A 177 11.75 -6.22 29.95
N ILE A 178 10.98 -5.26 30.46
CA ILE A 178 9.57 -5.52 30.77
C ILE A 178 8.80 -5.85 29.50
N GLY A 179 8.94 -5.00 28.48
CA GLY A 179 8.31 -5.30 27.20
C GLY A 179 8.82 -6.57 26.57
N THR A 180 10.11 -6.87 26.76
CA THR A 180 10.69 -8.09 26.19
C THR A 180 9.95 -9.33 26.69
N GLN A 181 9.79 -9.44 28.02
CA GLN A 181 9.14 -10.63 28.57
C GLN A 181 7.67 -10.71 28.20
N GLY A 182 7.00 -9.56 28.07
CA GLY A 182 5.56 -9.57 27.83
C GLY A 182 5.17 -9.77 26.38
N TYR A 183 6.02 -9.35 25.44
CA TYR A 183 5.69 -9.40 24.02
C TYR A 183 6.51 -10.40 23.22
N MET A 184 7.74 -10.70 23.64
CA MET A 184 8.64 -11.47 22.81
C MET A 184 8.28 -12.96 22.84
N ALA A 185 8.44 -13.61 21.68
CA ALA A 185 8.14 -15.02 21.59
C ALA A 185 9.27 -15.83 22.21
N PRO A 186 8.97 -17.05 22.69
CA PRO A 186 10.02 -17.83 23.38
C PRO A 186 11.19 -18.19 22.48
N GLU A 187 10.95 -18.50 21.21
CA GLU A 187 12.06 -18.85 20.33
C GLU A 187 13.00 -17.68 20.11
N TYR A 188 12.55 -16.45 20.36
CA TYR A 188 13.46 -15.32 20.31
C TYR A 188 14.21 -15.16 21.63
N ILE A 189 13.48 -15.20 22.75
CA ILE A 189 14.11 -15.07 24.05
C ILE A 189 15.17 -16.15 24.25
N GLU A 190 14.97 -17.32 23.65
CA GLU A 190 15.84 -18.47 23.89
C GLU A 190 16.91 -18.67 22.82
N ASN A 191 16.61 -18.35 21.56
CA ASN A 191 17.54 -18.60 20.47
C ASN A 191 17.71 -17.42 19.52
N GLY A 192 17.04 -16.31 19.76
CA GLY A 192 17.11 -15.19 18.83
C GLY A 192 16.56 -15.50 17.46
N LEU A 193 15.68 -16.50 17.35
CA LEU A 193 15.11 -16.89 16.07
C LEU A 193 14.11 -15.83 15.63
N ILE A 194 14.42 -15.12 14.55
CA ILE A 194 13.63 -14.00 14.07
C ILE A 194 12.84 -14.47 12.85
N THR A 195 11.54 -14.64 13.01
CA THR A 195 10.62 -14.95 11.92
C THR A 195 9.42 -14.03 12.01
N PRO A 196 8.63 -13.93 10.94
CA PRO A 196 7.38 -13.18 11.04
C PRO A 196 6.43 -13.72 12.11
N LYS A 197 6.68 -14.94 12.60
CA LYS A 197 5.85 -15.49 13.68
C LYS A 197 6.04 -14.74 14.99
N MET A 198 7.20 -14.10 15.18
CA MET A 198 7.38 -13.29 16.39
C MET A 198 6.47 -12.08 16.37
N ASP A 199 6.21 -11.50 15.19
CA ASP A 199 5.20 -10.46 15.09
C ASP A 199 3.81 -11.01 15.40
N VAL A 200 3.53 -12.24 14.94
CA VAL A 200 2.23 -12.85 15.23
C VAL A 200 2.06 -13.05 16.73
N PHE A 201 3.13 -13.48 17.41
CA PHE A 201 3.06 -13.63 18.87
C PHE A 201 2.77 -12.29 19.54
N ALA A 202 3.56 -11.26 19.21
CA ALA A 202 3.31 -9.93 19.75
C ALA A 202 1.88 -9.49 19.45
N PHE A 203 1.47 -9.59 18.18
CA PHE A 203 0.10 -9.22 17.82
C PHE A 203 -0.92 -9.98 18.65
N GLY A 204 -0.62 -11.23 19.02
CA GLY A 204 -1.51 -11.95 19.91
C GLY A 204 -1.67 -11.26 21.25
N VAL A 205 -0.56 -10.78 21.83
CA VAL A 205 -0.63 -10.11 23.12
C VAL A 205 -1.43 -8.83 23.01
N VAL A 206 -1.24 -8.08 21.91
CA VAL A 206 -2.01 -6.85 21.71
C VAL A 206 -3.50 -7.14 21.79
N ILE A 207 -3.96 -8.15 21.04
CA ILE A 207 -5.36 -8.53 21.07
C ILE A 207 -5.81 -8.79 22.50
N LEU A 208 -4.99 -9.54 23.26
CA LEU A 208 -5.32 -9.79 24.66
C LEU A 208 -5.43 -8.48 25.44
N GLU A 209 -4.54 -7.52 25.17
CA GLU A 209 -4.70 -6.20 25.76
C GLU A 209 -6.02 -5.57 25.36
N LEU A 210 -6.40 -5.70 24.08
CA LEU A 210 -7.64 -5.11 23.61
C LEU A 210 -8.86 -5.75 24.26
N LEU A 211 -8.80 -7.06 24.55
CA LEU A 211 -9.94 -7.75 25.12
C LEU A 211 -10.04 -7.52 26.63
N SER A 212 -8.91 -7.57 27.33
CA SER A 212 -8.90 -7.44 28.79
C SER A 212 -8.51 -6.06 29.30
N GLY A 213 -7.84 -5.24 28.49
CA GLY A 213 -7.25 -4.02 29.01
C GLY A 213 -6.15 -4.24 30.03
N ARG A 214 -5.73 -5.49 30.26
CA ARG A 214 -4.74 -5.80 31.29
C ARG A 214 -3.32 -5.46 30.82
N GLU A 215 -2.43 -5.30 31.80
CA GLU A 215 -1.02 -5.11 31.49
C GLU A 215 -0.43 -6.40 30.92
N VAL A 216 0.50 -6.25 29.98
CA VAL A 216 1.14 -7.42 29.39
C VAL A 216 1.82 -8.26 30.45
N VAL A 217 2.36 -7.63 31.49
CA VAL A 217 2.92 -8.32 32.64
C VAL A 217 2.24 -7.72 33.87
N GLY A 218 1.30 -8.45 34.45
CA GLY A 218 0.49 -7.91 35.52
C GLY A 218 1.14 -8.01 36.88
N SER A 219 0.48 -7.40 37.86
CA SER A 219 0.97 -7.39 39.24
C SER A 219 0.36 -8.55 40.03
N ASP A 227 3.90 -11.62 39.00
CA ASP A 227 4.29 -11.30 37.63
C ASP A 227 3.80 -12.35 36.64
N GLN A 228 2.52 -12.28 36.29
CA GLN A 228 1.92 -13.21 35.35
C GLN A 228 1.81 -12.54 33.99
N LEU A 229 2.29 -13.24 32.95
CA LEU A 229 2.27 -12.70 31.61
C LEU A 229 0.87 -12.84 30.99
N LEU A 230 0.44 -11.80 30.29
CA LEU A 230 -0.88 -11.81 29.68
C LEU A 230 -1.01 -12.88 28.60
N ALA A 231 0.11 -13.38 28.09
CA ALA A 231 0.10 -14.41 27.05
C ALA A 231 -0.09 -15.81 27.60
N SER A 232 0.04 -16.01 28.91
CA SER A 232 -0.20 -17.32 29.51
C SER A 232 -1.57 -17.42 30.17
N THR A 233 -2.24 -16.30 30.42
CA THR A 233 -3.54 -16.34 31.07
C THR A 233 -4.63 -16.80 30.11
N VAL A 234 -4.52 -16.45 28.83
CA VAL A 234 -5.55 -16.80 27.87
C VAL A 234 -5.71 -18.32 27.77
N ASN A 235 -4.64 -19.07 28.05
CA ASN A 235 -4.74 -20.52 28.01
C ASN A 235 -5.59 -21.05 29.17
N GLN A 236 -5.39 -20.49 30.37
CA GLN A 236 -6.20 -20.89 31.51
C GLN A 236 -7.65 -20.44 31.35
N VAL A 237 -7.88 -19.30 30.68
CA VAL A 237 -9.24 -18.79 30.52
C VAL A 237 -10.04 -19.67 29.55
N LEU A 238 -9.38 -20.23 28.53
CA LEU A 238 -10.07 -21.01 27.52
C LEU A 238 -9.99 -22.51 27.75
N GLU A 239 -9.23 -22.97 28.74
CA GLU A 239 -9.13 -24.38 29.06
C GLU A 239 -10.22 -24.79 30.05
N GLY A 240 -10.31 -26.09 30.29
CA GLY A 240 -11.23 -26.61 31.27
C GLY A 240 -12.68 -26.23 31.02
N ASP A 241 -13.44 -26.22 32.10
CA ASP A 241 -14.88 -25.98 32.07
C ASP A 241 -15.19 -24.55 32.50
N ASN A 242 -16.44 -24.14 32.25
CA ASN A 242 -16.92 -22.81 32.60
C ASN A 242 -16.14 -21.74 31.84
N VAL A 243 -15.84 -22.02 30.57
CA VAL A 243 -15.08 -21.07 29.77
C VAL A 243 -15.83 -19.76 29.61
N ARG A 244 -17.16 -19.81 29.53
CA ARG A 244 -17.94 -18.59 29.36
C ARG A 244 -17.73 -17.64 30.55
N GLU A 245 -17.82 -18.17 31.76
CA GLU A 245 -17.65 -17.33 32.95
C GLU A 245 -16.23 -16.81 33.06
N LYS A 246 -15.24 -17.68 32.84
CA LYS A 246 -13.85 -17.24 32.93
C LYS A 246 -13.52 -16.20 31.88
N LEU A 247 -14.21 -16.24 30.73
CA LEU A 247 -13.97 -15.24 29.69
C LEU A 247 -14.64 -13.92 30.00
N ARG A 248 -15.88 -13.95 30.51
CA ARG A 248 -16.52 -12.72 30.96
C ARG A 248 -15.63 -11.99 31.96
N GLY A 249 -15.16 -12.70 32.97
CA GLY A 249 -14.26 -12.09 33.95
C GLY A 249 -12.97 -11.61 33.33
N PHE A 250 -12.53 -12.25 32.25
CA PHE A 250 -11.31 -11.81 31.57
C PHE A 250 -11.54 -10.54 30.77
N MET A 251 -12.78 -10.30 30.34
CA MET A 251 -13.06 -9.15 29.50
C MET A 251 -12.87 -7.85 30.27
N ASP A 252 -12.41 -6.83 29.56
CA ASP A 252 -12.18 -5.51 30.13
C ASP A 252 -13.44 -5.01 30.82
N PRO A 253 -13.39 -4.69 32.12
CA PRO A 253 -14.59 -4.18 32.79
C PRO A 253 -15.17 -2.94 32.15
N ASN A 254 -14.32 -2.08 31.57
CA ASN A 254 -14.79 -0.82 31.01
C ASN A 254 -15.70 -1.02 29.80
N LEU A 255 -15.71 -2.22 29.21
CA LEU A 255 -16.65 -2.48 28.12
C LEU A 255 -18.08 -2.54 28.63
N ARG A 256 -18.29 -3.02 29.86
CA ARG A 256 -19.59 -2.97 30.52
C ARG A 256 -20.66 -3.73 29.73
N ASP A 257 -20.36 -4.99 29.43
CA ASP A 257 -21.33 -5.87 28.78
C ASP A 257 -21.60 -5.48 27.33
N GLU A 258 -21.10 -4.32 26.90
CA GLU A 258 -21.34 -3.84 25.54
C GLU A 258 -20.37 -4.48 24.55
N TYR A 259 -20.48 -5.80 24.44
CA TYR A 259 -19.67 -6.55 23.49
C TYR A 259 -20.31 -7.91 23.28
N PRO A 260 -20.20 -8.49 22.08
CA PRO A 260 -20.71 -9.83 21.84
C PRO A 260 -19.76 -10.87 22.41
N LEU A 261 -20.18 -11.51 23.50
CA LEU A 261 -19.34 -12.53 24.13
C LEU A 261 -18.92 -13.60 23.13
N ASP A 262 -19.77 -13.89 22.15
CA ASP A 262 -19.43 -14.87 21.14
C ASP A 262 -18.17 -14.47 20.40
N LEU A 263 -18.17 -13.28 19.78
CA LEU A 263 -17.02 -12.83 19.01
C LEU A 263 -15.82 -12.56 19.89
N ALA A 264 -16.04 -12.23 21.17
CA ALA A 264 -14.90 -12.07 22.08
C ALA A 264 -14.17 -13.39 22.29
N PHE A 265 -14.92 -14.46 22.58
CA PHE A 265 -14.31 -15.77 22.69
C PHE A 265 -13.56 -16.14 21.42
N SER A 266 -14.20 -15.93 20.26
CA SER A 266 -13.53 -16.21 18.99
C SER A 266 -12.23 -15.43 18.88
N MET A 267 -12.28 -14.13 19.15
CA MET A 267 -11.07 -13.30 19.08
C MET A 267 -10.03 -13.77 20.08
N ALA A 268 -10.47 -14.12 21.30
CA ALA A 268 -9.55 -14.67 22.28
C ALA A 268 -8.92 -15.96 21.79
N GLU A 269 -9.66 -16.75 21.01
CA GLU A 269 -9.12 -18.00 20.48
C GLU A 269 -8.00 -17.74 19.48
N ILE A 270 -8.20 -16.79 18.56
CA ILE A 270 -7.15 -16.47 17.60
C ILE A 270 -5.93 -15.87 18.28
N ALA A 271 -6.10 -15.27 19.45
CA ALA A 271 -4.96 -14.76 20.21
C ALA A 271 -4.19 -15.90 20.88
N LYS A 272 -4.91 -16.89 21.42
CA LYS A 272 -4.22 -18.05 22.01
C LYS A 272 -3.32 -18.73 20.99
N ARG A 273 -3.84 -18.95 19.77
CA ARG A 273 -3.02 -19.55 18.73
C ARG A 273 -1.82 -18.67 18.39
N CYS A 274 -2.00 -17.35 18.44
CA CYS A 274 -0.89 -16.46 18.14
C CYS A 274 0.19 -16.53 19.21
N VAL A 275 -0.19 -16.78 20.46
CA VAL A 275 0.76 -16.81 21.56
C VAL A 275 1.23 -18.24 21.87
N ALA A 276 1.00 -19.18 20.95
CA ALA A 276 1.53 -20.53 21.13
C ALA A 276 3.05 -20.49 21.16
N ARG A 277 3.64 -21.44 21.89
CA ARG A 277 5.09 -21.49 22.00
C ARG A 277 5.74 -21.94 20.70
N ASP A 278 5.14 -22.92 20.02
CA ASP A 278 5.65 -23.40 18.74
C ASP A 278 5.29 -22.40 17.65
N LEU A 279 6.31 -21.82 17.01
CA LEU A 279 6.05 -20.80 16.00
C LEU A 279 5.26 -21.35 14.82
N ASN A 280 5.59 -22.57 14.38
CA ASN A 280 4.87 -23.16 13.26
C ASN A 280 3.41 -23.44 13.58
N SER A 281 3.06 -23.59 14.86
CA SER A 281 1.66 -23.75 15.23
C SER A 281 0.91 -22.43 15.11
N ARG A 282 1.59 -21.31 15.32
CA ARG A 282 0.94 -20.01 15.19
C ARG A 282 0.43 -19.82 13.76
N PRO A 283 -0.67 -19.10 13.60
CA PRO A 283 -1.15 -18.80 12.25
C PRO A 283 -0.36 -17.67 11.63
N ASN A 284 -0.40 -17.62 10.30
CA ASN A 284 0.12 -16.46 9.60
C ASN A 284 -0.80 -15.27 9.84
N VAL A 285 -0.21 -14.07 9.89
CA VAL A 285 -1.02 -12.88 10.12
C VAL A 285 -2.11 -12.77 9.06
N SER A 286 -1.85 -13.28 7.85
CA SER A 286 -2.86 -13.27 6.80
C SER A 286 -4.12 -13.99 7.24
N GLU A 287 -3.97 -15.08 8.00
CA GLU A 287 -5.14 -15.80 8.50
C GLU A 287 -5.87 -14.99 9.56
N VAL A 288 -5.12 -14.39 10.50
CA VAL A 288 -5.74 -13.54 11.50
C VAL A 288 -6.47 -12.37 10.85
N PHE A 289 -5.91 -11.85 9.75
CA PHE A 289 -6.56 -10.74 9.06
C PHE A 289 -7.88 -11.16 8.45
N MET A 290 -7.97 -12.40 7.95
CA MET A 290 -9.24 -12.89 7.42
C MET A 290 -10.24 -13.15 8.53
N ILE A 291 -9.77 -13.57 9.70
CA ILE A 291 -10.67 -13.81 10.83
C ILE A 291 -11.26 -12.49 11.32
N LEU A 292 -10.41 -11.50 11.57
CA LEU A 292 -10.89 -10.23 12.10
C LEU A 292 -11.83 -9.52 11.11
N SER A 293 -11.64 -9.74 9.81
CA SER A 293 -12.48 -9.07 8.82
C SER A 293 -13.88 -9.64 8.77
N LYS A 294 -14.04 -10.93 9.08
CA LYS A 294 -15.36 -11.55 8.96
C LYS A 294 -16.21 -11.27 10.19
N ILE A 295 -15.60 -11.20 11.38
CA ILE A 295 -16.35 -10.82 12.58
C ILE A 295 -16.52 -9.33 12.71
N GLN A 296 -16.00 -8.55 11.77
CA GLN A 296 -16.16 -7.10 11.81
C GLN A 296 -17.51 -6.70 11.24
N SER A 297 -17.94 -5.49 11.60
CA SER A 297 -19.25 -4.97 11.22
C SER A 297 -19.52 -5.13 9.73
N SER B 1 -14.37 13.44 3.45
CA SER B 1 -12.96 13.15 3.28
C SER B 1 -12.37 13.97 2.14
N LEU B 2 -13.08 14.01 1.02
CA LEU B 2 -12.64 14.72 -0.16
C LEU B 2 -12.98 16.21 -0.05
N THR B 3 -12.62 16.97 -1.08
CA THR B 3 -12.90 18.39 -1.15
C THR B 3 -14.18 18.59 -1.97
N VAL B 4 -15.21 19.15 -1.34
CA VAL B 4 -16.44 19.48 -2.03
C VAL B 4 -16.23 20.79 -2.78
N TYR B 5 -16.21 20.72 -4.10
CA TYR B 5 -16.02 21.91 -4.93
C TYR B 5 -17.37 22.52 -5.29
N LYS B 6 -17.38 23.84 -5.43
CA LYS B 6 -18.56 24.55 -5.87
C LYS B 6 -18.52 24.75 -7.38
N TYR B 7 -19.67 24.54 -8.02
CA TYR B 7 -19.73 24.52 -9.48
C TYR B 7 -19.21 25.81 -10.10
N GLU B 8 -19.20 26.92 -9.37
CA GLU B 8 -18.65 28.15 -9.91
C GLU B 8 -17.15 28.02 -10.17
N ASP B 9 -16.44 27.29 -9.30
CA ASP B 9 -15.00 27.13 -9.46
C ASP B 9 -14.67 26.20 -10.62
N LEU B 10 -15.47 25.14 -10.81
CA LEU B 10 -15.27 24.27 -11.95
C LEU B 10 -15.50 25.01 -13.26
N GLN B 11 -16.57 25.81 -13.31
CA GLN B 11 -16.82 26.63 -14.50
C GLN B 11 -15.62 27.53 -14.81
N ASN B 12 -15.11 28.23 -13.79
CA ASN B 12 -14.04 29.20 -14.04
C ASN B 12 -12.71 28.53 -14.32
N ALA B 13 -12.49 27.33 -13.77
CA ALA B 13 -11.22 26.65 -13.98
C ALA B 13 -11.14 25.94 -15.33
N THR B 14 -12.28 25.58 -15.91
CA THR B 14 -12.32 24.92 -17.21
C THR B 14 -12.83 25.87 -18.30
N ASN B 15 -12.81 27.18 -18.05
CA ASN B 15 -13.34 28.15 -19.00
C ASN B 15 -14.76 27.78 -19.43
N PHE B 16 -15.60 27.51 -18.44
CA PHE B 16 -16.99 27.12 -18.67
C PHE B 16 -17.08 25.90 -19.58
N PHE B 17 -16.07 25.03 -19.50
CA PHE B 17 -16.11 23.71 -20.12
C PHE B 17 -16.07 23.79 -21.65
N SER B 18 -15.09 24.53 -22.17
CA SER B 18 -14.93 24.66 -23.61
C SER B 18 -13.45 24.88 -23.93
N GLU B 19 -12.92 24.06 -24.83
CA GLU B 19 -11.54 24.19 -25.29
C GLU B 19 -10.56 23.70 -24.24
N GLU B 20 -10.91 23.78 -22.96
CA GLU B 20 -10.21 23.06 -21.91
C GLU B 20 -10.53 21.57 -21.95
N ASN B 21 -11.26 21.13 -22.97
CA ASN B 21 -11.67 19.73 -23.08
C ASN B 21 -10.48 18.85 -23.42
N LYS B 22 -10.33 17.74 -22.69
CA LYS B 22 -9.40 16.70 -23.06
C LYS B 22 -10.07 15.74 -24.03
N ILE B 23 -9.26 14.84 -24.62
CA ILE B 23 -9.77 13.93 -25.63
C ILE B 23 -11.04 13.23 -25.17
N LYS B 24 -11.19 13.03 -23.86
CA LYS B 24 -12.41 12.46 -23.32
C LYS B 24 -13.52 13.51 -23.34
N GLY B 25 -14.71 13.09 -23.80
CA GLY B 25 -15.86 13.97 -23.80
C GLY B 25 -16.30 14.42 -22.42
N SER B 26 -15.83 13.75 -21.35
CA SER B 26 -16.18 14.11 -19.99
C SER B 26 -15.04 14.77 -19.22
N VAL B 27 -13.79 14.60 -19.66
CA VAL B 27 -12.62 15.08 -18.94
C VAL B 27 -12.20 16.43 -19.50
N TYR B 28 -12.04 17.41 -18.61
CA TYR B 28 -11.60 18.74 -18.97
C TYR B 28 -10.41 19.13 -18.10
N ARG B 29 -9.40 19.74 -18.73
CA ARG B 29 -8.27 20.28 -17.99
C ARG B 29 -8.71 21.52 -17.23
N ALA B 30 -8.75 21.42 -15.90
CA ALA B 30 -9.13 22.54 -15.05
C ALA B 30 -7.88 23.25 -14.55
N SER B 31 -7.83 24.56 -14.72
CA SER B 31 -6.67 25.37 -14.36
C SER B 31 -7.00 26.14 -13.08
N PHE B 32 -6.70 25.54 -11.93
CA PHE B 32 -6.78 26.23 -10.66
C PHE B 32 -5.48 27.00 -10.40
N LYS B 33 -5.52 27.89 -9.42
CA LYS B 33 -4.32 28.61 -9.01
C LYS B 33 -3.27 27.62 -8.54
N GLY B 34 -2.24 27.41 -9.36
CA GLY B 34 -1.21 26.44 -9.03
C GLY B 34 -1.40 25.11 -9.73
N ASP B 35 -1.53 24.04 -8.96
CA ASP B 35 -1.72 22.72 -9.53
C ASP B 35 -3.02 22.66 -10.34
N ASP B 36 -2.96 22.02 -11.50
CA ASP B 36 -4.13 21.81 -12.33
C ASP B 36 -4.87 20.55 -11.88
N ALA B 37 -5.91 20.18 -12.63
CA ALA B 37 -6.69 18.99 -12.33
C ALA B 37 -7.50 18.62 -13.56
N ALA B 38 -8.09 17.44 -13.52
CA ALA B 38 -8.94 16.93 -14.60
C ALA B 38 -10.32 16.66 -14.03
N VAL B 39 -11.31 17.43 -14.48
CA VAL B 39 -12.69 17.25 -14.06
C VAL B 39 -13.36 16.26 -15.00
N LYS B 40 -14.08 15.30 -14.42
CA LYS B 40 -14.76 14.25 -15.19
C LYS B 40 -16.25 14.32 -14.89
N ILE B 41 -17.03 14.77 -15.87
CA ILE B 41 -18.47 14.86 -15.72
C ILE B 41 -19.07 13.46 -15.83
N LEU B 42 -19.77 13.03 -14.78
CA LEU B 42 -20.44 11.74 -14.75
C LEU B 42 -21.93 11.94 -14.50
N LYS B 43 -22.74 11.17 -15.23
CA LYS B 43 -24.18 11.28 -15.10
C LYS B 43 -24.63 10.82 -13.72
N GLY B 44 -25.72 11.43 -13.24
CA GLY B 44 -26.33 11.01 -12.00
C GLY B 44 -25.88 11.79 -10.79
N ASP B 45 -26.83 12.50 -10.16
CA ASP B 45 -26.57 13.08 -8.84
C ASP B 45 -26.03 12.03 -7.87
N VAL B 46 -26.31 10.75 -8.13
CA VAL B 46 -25.85 9.66 -7.28
C VAL B 46 -24.67 8.95 -7.92
N SER B 47 -23.46 9.47 -7.69
CA SER B 47 -22.22 8.71 -7.82
C SER B 47 -21.60 8.41 -6.46
N SER B 48 -22.41 8.56 -5.40
CA SER B 48 -21.91 8.31 -4.05
C SER B 48 -21.41 6.88 -3.90
N GLU B 49 -22.15 5.90 -4.43
CA GLU B 49 -21.69 4.52 -4.39
C GLU B 49 -20.32 4.38 -5.03
N ILE B 50 -20.11 5.06 -6.17
CA ILE B 50 -18.83 5.03 -6.86
C ILE B 50 -17.70 5.62 -6.02
N ASN B 51 -18.03 6.31 -4.93
CA ASN B 51 -17.00 6.79 -4.00
C ASN B 51 -16.49 5.65 -3.12
N ILE B 52 -16.25 4.51 -3.75
CA ILE B 52 -15.24 3.56 -3.30
C ILE B 52 -13.85 3.98 -3.76
N LEU B 53 -13.76 4.92 -4.71
CA LEU B 53 -12.47 5.40 -5.23
C LEU B 53 -11.66 6.18 -4.20
N LYS B 54 -12.33 6.96 -3.35
CA LYS B 54 -11.63 7.72 -2.32
C LYS B 54 -10.71 6.84 -1.49
N ARG B 55 -11.09 5.58 -1.26
CA ARG B 55 -10.27 4.65 -0.49
C ARG B 55 -9.19 3.99 -1.32
N ILE B 56 -9.09 4.32 -2.60
CA ILE B 56 -8.04 3.82 -3.47
C ILE B 56 -6.98 4.91 -3.54
N ASN B 57 -5.99 4.81 -2.66
CA ASN B 57 -4.96 5.84 -2.52
C ASN B 57 -3.59 5.20 -2.72
N HIS B 58 -2.86 5.67 -3.74
CA HIS B 58 -1.55 5.15 -4.06
C HIS B 58 -0.84 6.16 -4.95
N ALA B 59 0.46 6.36 -4.70
CA ALA B 59 1.22 7.35 -5.46
C ALA B 59 1.21 7.08 -6.96
N ASN B 60 0.97 5.84 -7.37
CA ASN B 60 0.94 5.47 -8.78
C ASN B 60 -0.49 5.20 -9.27
N ILE B 61 -1.47 5.81 -8.61
CA ILE B 61 -2.87 5.72 -9.02
C ILE B 61 -3.44 7.14 -9.02
N ILE B 62 -4.03 7.55 -10.13
CA ILE B 62 -4.58 8.89 -10.25
C ILE B 62 -5.50 9.16 -9.06
N ARG B 63 -5.24 10.26 -8.37
CA ARG B 63 -5.89 10.54 -7.10
C ARG B 63 -7.13 11.39 -7.31
N LEU B 64 -8.22 11.01 -6.65
CA LEU B 64 -9.45 11.81 -6.64
C LEU B 64 -9.29 12.93 -5.63
N SER B 65 -9.22 14.18 -6.10
CA SER B 65 -9.03 15.31 -5.22
C SER B 65 -10.32 15.69 -4.51
N GLY B 66 -11.41 15.81 -5.26
CA GLY B 66 -12.68 16.17 -4.68
C GLY B 66 -13.81 15.81 -5.61
N PHE B 67 -14.97 16.41 -5.35
CA PHE B 67 -16.14 16.13 -6.17
C PHE B 67 -17.13 17.27 -6.07
N CYS B 68 -18.07 17.31 -7.00
CA CYS B 68 -19.09 18.34 -7.04
C CYS B 68 -20.33 17.79 -7.73
N VAL B 69 -21.50 18.14 -7.19
CA VAL B 69 -22.77 17.74 -7.77
C VAL B 69 -23.60 18.99 -8.00
N TYR B 70 -24.10 19.15 -9.23
CA TYR B 70 -24.86 20.34 -9.59
C TYR B 70 -25.82 19.99 -10.72
N LYS B 71 -27.11 20.21 -10.49
CA LYS B 71 -28.15 20.03 -11.50
C LYS B 71 -28.15 18.60 -12.05
N GLY B 72 -28.07 17.63 -11.14
CA GLY B 72 -28.21 16.23 -11.50
C GLY B 72 -26.99 15.60 -12.13
N ASN B 73 -25.90 16.33 -12.32
CA ASN B 73 -24.66 15.79 -12.85
C ASN B 73 -23.55 15.97 -11.82
N THR B 74 -22.68 14.96 -11.72
CA THR B 74 -21.59 14.95 -10.75
C THR B 74 -20.26 15.10 -11.48
N TYR B 75 -19.37 15.91 -10.89
CA TYR B 75 -18.07 16.22 -11.48
C TYR B 75 -16.98 15.72 -10.54
N LEU B 76 -16.10 14.87 -11.06
CA LEU B 76 -14.99 14.34 -10.28
C LEU B 76 -13.72 15.10 -10.63
N VAL B 77 -13.06 15.64 -9.60
CA VAL B 77 -11.83 16.42 -9.76
C VAL B 77 -10.66 15.52 -9.43
N TYR B 78 -9.91 15.12 -10.46
CA TYR B 78 -8.79 14.19 -10.31
C TYR B 78 -7.46 14.92 -10.42
N GLU B 79 -6.42 14.30 -9.86
CA GLU B 79 -5.07 14.76 -10.08
C GLU B 79 -4.76 14.78 -11.57
N PHE B 80 -4.11 15.85 -12.03
CA PHE B 80 -3.81 16.01 -13.44
C PHE B 80 -2.45 15.41 -13.77
N ALA B 81 -2.43 14.53 -14.76
CA ALA B 81 -1.21 13.95 -15.29
C ALA B 81 -0.82 14.71 -16.56
N GLU B 82 0.35 15.34 -16.55
CA GLU B 82 0.72 16.29 -17.59
C GLU B 82 1.45 15.67 -18.77
N ASN B 83 1.88 14.41 -18.69
CA ASN B 83 2.60 13.76 -19.78
C ASN B 83 1.75 12.69 -20.46
N ASN B 84 0.45 12.95 -20.57
CA ASN B 84 -0.47 12.15 -21.39
C ASN B 84 -0.43 10.69 -20.93
N SER B 85 -0.67 9.75 -21.84
CA SER B 85 -0.73 8.34 -21.53
C SER B 85 0.53 7.65 -22.02
N LEU B 86 0.78 6.46 -21.44
CA LEU B 86 1.89 5.64 -21.91
C LEU B 86 1.73 5.31 -23.39
N ASP B 87 0.49 5.11 -23.84
CA ASP B 87 0.25 4.82 -25.25
C ASP B 87 0.74 5.96 -26.13
N ASP B 88 0.53 7.21 -25.70
CA ASP B 88 0.93 8.36 -26.50
C ASP B 88 2.45 8.44 -26.66
N TRP B 89 3.20 7.95 -25.67
CA TRP B 89 4.65 8.04 -25.71
C TRP B 89 5.31 6.84 -26.38
N LEU B 90 4.57 5.74 -26.54
CA LEU B 90 5.12 4.54 -27.16
C LEU B 90 4.78 4.41 -28.63
N HIS B 91 3.59 4.84 -29.06
CA HIS B 91 3.13 4.61 -30.41
C HIS B 91 2.93 5.89 -31.22
N SER B 92 2.94 7.05 -30.59
CA SER B 92 2.83 8.32 -31.32
C SER B 92 4.17 9.02 -31.39
N MET B 104 14.20 11.56 -27.37
CA MET B 104 12.88 12.09 -27.06
C MET B 104 11.93 10.98 -26.60
N CYS B 105 12.13 9.78 -27.14
CA CYS B 105 11.32 8.64 -26.75
C CYS B 105 11.61 8.27 -25.29
N LEU B 106 10.91 7.25 -24.81
CA LEU B 106 11.12 6.76 -23.45
C LEU B 106 12.39 5.92 -23.41
N SER B 107 13.22 6.16 -22.38
CA SER B 107 14.44 5.41 -22.20
C SER B 107 14.14 4.03 -21.61
N TRP B 108 15.15 3.16 -21.62
CA TRP B 108 14.99 1.86 -20.99
C TRP B 108 14.67 2.00 -19.51
N PHE B 109 15.35 2.91 -18.82
CA PHE B 109 15.15 3.07 -17.38
C PHE B 109 13.74 3.59 -17.07
N GLN B 110 13.26 4.55 -17.86
CA GLN B 110 11.92 5.08 -17.64
C GLN B 110 10.86 3.99 -17.83
N ARG B 111 11.05 3.11 -18.82
CA ARG B 111 10.09 2.06 -19.06
C ARG B 111 10.07 1.05 -17.92
N VAL B 112 11.24 0.62 -17.47
CA VAL B 112 11.32 -0.23 -16.29
C VAL B 112 10.58 0.42 -15.12
N GLN B 113 10.87 1.71 -14.88
CA GLN B 113 10.23 2.40 -13.78
C GLN B 113 8.71 2.45 -13.95
N ILE B 114 8.25 2.74 -15.17
CA ILE B 114 6.80 2.78 -15.41
C ILE B 114 6.17 1.44 -15.07
N ALA B 115 6.75 0.35 -15.58
CA ALA B 115 6.28 -0.97 -15.24
C ALA B 115 6.36 -1.21 -13.74
N HIS B 116 7.44 -0.75 -13.11
CA HIS B 116 7.55 -0.83 -11.66
C HIS B 116 6.41 -0.10 -10.98
N ASP B 117 6.06 1.09 -11.47
CA ASP B 117 4.99 1.87 -10.87
C ASP B 117 3.64 1.16 -11.03
N VAL B 118 3.35 0.66 -12.22
CA VAL B 118 2.09 -0.04 -12.46
C VAL B 118 2.03 -1.34 -11.68
N ALA B 119 3.17 -2.04 -11.54
CA ALA B 119 3.20 -3.24 -10.72
C ALA B 119 2.95 -2.90 -9.26
N ASP B 120 3.53 -1.79 -8.78
CA ASP B 120 3.26 -1.35 -7.42
C ASP B 120 1.77 -1.12 -7.20
N ALA B 121 1.13 -0.36 -8.09
CA ALA B 121 -0.29 -0.07 -7.93
C ALA B 121 -1.14 -1.33 -7.96
N LEU B 122 -0.77 -2.29 -8.82
CA LEU B 122 -1.52 -3.54 -8.87
C LEU B 122 -1.31 -4.37 -7.61
N ASN B 123 -0.09 -4.37 -7.08
CA ASN B 123 0.15 -5.04 -5.80
C ASN B 123 -0.74 -4.47 -4.71
N TYR B 124 -0.87 -3.14 -4.66
CA TYR B 124 -1.77 -2.51 -3.70
C TYR B 124 -3.22 -2.90 -3.96
N LEU B 125 -3.66 -2.80 -5.22
CA LEU B 125 -5.05 -3.09 -5.53
C LEU B 125 -5.41 -4.54 -5.21
N HIS B 126 -4.51 -5.47 -5.48
CA HIS B 126 -4.83 -6.89 -5.38
C HIS B 126 -4.61 -7.49 -4.00
N ASN B 127 -3.79 -6.85 -3.16
CA ASN B 127 -3.34 -7.52 -1.95
C ASN B 127 -3.57 -6.72 -0.68
N TYR B 128 -3.21 -5.43 -0.67
CA TYR B 128 -3.29 -4.65 0.56
C TYR B 128 -4.06 -3.35 0.37
N ALA B 129 -5.05 -3.36 -0.51
CA ALA B 129 -6.04 -2.28 -0.54
C ALA B 129 -7.23 -2.69 0.31
N ASN B 130 -7.83 -1.72 0.99
CA ASN B 130 -9.00 -1.96 1.82
C ASN B 130 -10.14 -1.06 1.36
N PRO B 131 -11.11 -1.57 0.60
CA PRO B 131 -11.22 -2.96 0.10
C PRO B 131 -10.32 -3.21 -1.11
N PRO B 132 -10.01 -4.47 -1.40
CA PRO B 132 -9.22 -4.80 -2.58
C PRO B 132 -10.11 -4.94 -3.82
N HIS B 133 -9.49 -4.72 -4.97
CA HIS B 133 -10.22 -4.66 -6.23
C HIS B 133 -9.40 -5.29 -7.36
N VAL B 134 -10.08 -5.50 -8.49
CA VAL B 134 -9.45 -5.86 -9.74
C VAL B 134 -9.73 -4.73 -10.73
N HIS B 135 -8.67 -4.15 -11.29
CA HIS B 135 -8.83 -2.99 -12.16
C HIS B 135 -9.76 -3.30 -13.33
N LYS B 136 -9.43 -4.35 -14.09
CA LYS B 136 -10.21 -4.89 -15.20
C LYS B 136 -10.02 -4.09 -16.49
N ASN B 137 -9.40 -2.91 -16.45
CA ASN B 137 -9.26 -2.07 -17.63
C ASN B 137 -7.87 -1.45 -17.67
N LEU B 138 -6.85 -2.30 -17.55
CA LEU B 138 -5.46 -1.85 -17.59
C LEU B 138 -4.99 -1.82 -19.04
N LYS B 139 -4.60 -0.64 -19.50
CA LYS B 139 -4.12 -0.45 -20.87
C LYS B 139 -3.18 0.74 -20.89
N SER B 140 -2.23 0.71 -21.83
CA SER B 140 -1.28 1.81 -21.95
C SER B 140 -1.99 3.16 -22.07
N GLY B 141 -3.15 3.19 -22.74
CA GLY B 141 -3.92 4.41 -22.81
C GLY B 141 -4.42 4.90 -21.47
N ASN B 142 -4.55 4.01 -20.48
CA ASN B 142 -5.05 4.36 -19.17
C ASN B 142 -3.95 4.47 -18.12
N ILE B 143 -2.69 4.35 -18.52
CA ILE B 143 -1.55 4.56 -17.62
C ILE B 143 -1.05 5.97 -17.90
N LEU B 144 -1.56 6.92 -17.13
CA LEU B 144 -1.18 8.32 -17.28
C LEU B 144 0.21 8.55 -16.69
N LEU B 145 0.90 9.56 -17.20
CA LEU B 145 2.29 9.81 -16.85
C LEU B 145 2.42 11.09 -16.04
N ASP B 146 3.32 11.03 -15.05
CA ASP B 146 3.61 12.15 -14.17
C ASP B 146 4.42 13.21 -14.92
N GLY B 147 4.58 14.37 -14.28
CA GLY B 147 5.51 15.36 -14.80
C GLY B 147 6.93 14.85 -14.89
N LYS B 148 7.26 13.82 -14.11
CA LYS B 148 8.54 13.15 -14.20
C LYS B 148 8.42 11.76 -14.79
N PHE B 149 7.33 11.51 -15.54
CA PHE B 149 7.14 10.27 -16.28
C PHE B 149 7.00 9.07 -15.33
N ARG B 150 6.18 9.24 -14.31
CA ARG B 150 5.84 8.17 -13.38
C ARG B 150 4.46 7.64 -13.71
N GLY B 151 4.26 6.34 -13.42
CA GLY B 151 3.00 5.70 -13.76
C GLY B 151 1.87 6.16 -12.85
N LYS B 152 0.77 6.58 -13.46
CA LYS B 152 -0.44 6.97 -12.74
C LYS B 152 -1.61 6.20 -13.37
N VAL B 153 -1.97 5.06 -12.77
CA VAL B 153 -3.04 4.25 -13.31
C VAL B 153 -4.37 5.00 -13.19
N SER B 154 -5.29 4.71 -14.11
CA SER B 154 -6.57 5.41 -14.16
C SER B 154 -7.59 4.52 -14.85
N ASN B 155 -8.78 5.09 -15.07
CA ASN B 155 -9.85 4.46 -15.83
C ASN B 155 -10.20 3.08 -15.29
N PHE B 156 -10.54 3.05 -14.00
CA PHE B 156 -10.97 1.82 -13.36
C PHE B 156 -12.36 1.42 -13.86
N GLY B 157 -12.62 0.12 -13.83
CA GLY B 157 -13.91 -0.41 -14.20
C GLY B 157 -13.97 -0.82 -15.66
N LEU B 158 -14.90 -1.73 -15.95
CA LEU B 158 -15.03 -2.28 -17.29
C LEU B 158 -16.44 -2.12 -17.83
N PHE B 171 -21.30 5.97 -28.57
CA PHE B 171 -20.33 4.97 -28.14
C PHE B 171 -19.49 4.49 -29.32
N GLN B 172 -18.20 4.30 -29.07
CA GLN B 172 -17.24 3.89 -30.10
C GLN B 172 -16.99 2.40 -29.93
N LEU B 173 -17.75 1.60 -30.67
CA LEU B 173 -17.64 0.15 -30.56
C LEU B 173 -16.28 -0.34 -31.06
N THR B 174 -15.93 0.00 -32.30
CA THR B 174 -14.70 -0.52 -32.89
C THR B 174 -13.49 -0.25 -32.02
N ARG B 175 -13.41 0.95 -31.44
CA ARG B 175 -12.32 1.25 -30.51
C ARG B 175 -12.31 0.27 -29.35
N HIS B 176 -13.44 0.13 -28.67
CA HIS B 176 -13.51 -0.78 -27.52
C HIS B 176 -13.20 -2.22 -27.92
N VAL B 177 -13.51 -2.60 -29.15
CA VAL B 177 -13.29 -3.99 -29.57
C VAL B 177 -11.82 -4.25 -29.89
N ILE B 178 -11.08 -3.22 -30.29
CA ILE B 178 -9.63 -3.40 -30.49
C ILE B 178 -8.93 -3.53 -29.15
N GLY B 179 -9.31 -2.70 -28.17
CA GLY B 179 -8.73 -2.85 -26.85
C GLY B 179 -8.94 -4.24 -26.28
N THR B 180 -10.19 -4.71 -26.28
CA THR B 180 -10.47 -6.05 -25.77
C THR B 180 -9.65 -7.12 -26.49
N GLN B 181 -9.31 -6.87 -27.77
CA GLN B 181 -8.64 -7.91 -28.56
C GLN B 181 -7.24 -8.21 -28.02
N GLY B 182 -6.51 -7.18 -27.61
CA GLY B 182 -5.13 -7.36 -27.20
C GLY B 182 -4.88 -7.44 -25.71
N TYR B 183 -5.85 -7.03 -24.90
CA TYR B 183 -5.69 -6.97 -23.46
C TYR B 183 -6.50 -8.00 -22.69
N MET B 184 -7.68 -8.38 -23.20
CA MET B 184 -8.57 -9.23 -22.42
C MET B 184 -8.06 -10.66 -22.36
N ALA B 185 -8.20 -11.29 -21.19
CA ALA B 185 -7.70 -12.63 -20.95
C ALA B 185 -8.70 -13.68 -21.45
N PRO B 186 -8.21 -14.86 -21.84
CA PRO B 186 -9.11 -15.88 -22.38
C PRO B 186 -10.26 -16.24 -21.45
N GLU B 187 -10.00 -16.32 -20.14
CA GLU B 187 -11.05 -16.72 -19.21
C GLU B 187 -12.16 -15.68 -19.14
N TYR B 188 -11.85 -14.41 -19.40
CA TYR B 188 -12.90 -13.40 -19.46
C TYR B 188 -13.57 -13.36 -20.83
N ILE B 189 -12.80 -13.49 -21.90
CA ILE B 189 -13.36 -13.46 -23.24
C ILE B 189 -14.28 -14.66 -23.46
N GLU B 190 -13.86 -15.83 -22.98
CA GLU B 190 -14.61 -17.06 -23.23
C GLU B 190 -15.63 -17.38 -22.16
N ASN B 191 -15.38 -16.99 -20.90
CA ASN B 191 -16.29 -17.32 -19.81
C ASN B 191 -16.57 -16.14 -18.88
N GLY B 192 -16.00 -14.96 -19.14
CA GLY B 192 -16.23 -13.81 -18.29
C GLY B 192 -15.71 -13.97 -16.88
N LEU B 193 -14.71 -14.81 -16.67
CA LEU B 193 -14.18 -15.07 -15.33
C LEU B 193 -13.30 -13.91 -14.90
N ILE B 194 -13.75 -13.14 -13.92
CA ILE B 194 -13.02 -11.97 -13.44
C ILE B 194 -12.18 -12.38 -12.25
N THR B 195 -10.86 -12.38 -12.43
CA THR B 195 -9.93 -12.64 -11.33
C THR B 195 -8.79 -11.63 -11.37
N PRO B 196 -8.00 -11.49 -10.31
CA PRO B 196 -6.78 -10.67 -10.43
C PRO B 196 -5.86 -11.10 -11.57
N LYS B 197 -6.07 -12.28 -12.16
CA LYS B 197 -5.22 -12.73 -13.26
C LYS B 197 -5.47 -11.96 -14.54
N MET B 198 -6.70 -11.50 -14.79
CA MET B 198 -6.96 -10.71 -15.99
C MET B 198 -6.18 -9.40 -15.96
N ASP B 199 -5.99 -8.81 -14.77
CA ASP B 199 -5.11 -7.66 -14.66
C ASP B 199 -3.66 -8.05 -14.91
N VAL B 200 -3.24 -9.21 -14.40
CA VAL B 200 -1.88 -9.69 -14.66
C VAL B 200 -1.67 -9.90 -16.15
N PHE B 201 -2.71 -10.40 -16.84
CA PHE B 201 -2.62 -10.58 -18.28
C PHE B 201 -2.35 -9.25 -18.98
N ALA B 202 -3.28 -8.31 -18.85
CA ALA B 202 -3.15 -7.00 -19.50
C ALA B 202 -1.81 -6.36 -19.15
N PHE B 203 -1.45 -6.35 -17.86
CA PHE B 203 -0.15 -5.83 -17.47
C PHE B 203 0.96 -6.52 -18.26
N GLY B 204 0.82 -7.81 -18.53
CA GLY B 204 1.77 -8.50 -19.39
C GLY B 204 1.85 -7.87 -20.76
N VAL B 205 0.70 -7.55 -21.35
CA VAL B 205 0.68 -6.89 -22.66
C VAL B 205 1.32 -5.50 -22.55
N VAL B 206 1.05 -4.78 -21.47
CA VAL B 206 1.65 -3.47 -21.29
C VAL B 206 3.17 -3.58 -21.25
N ILE B 207 3.68 -4.57 -20.53
CA ILE B 207 5.13 -4.77 -20.48
C ILE B 207 5.69 -5.04 -21.88
N LEU B 208 4.98 -5.86 -22.67
CA LEU B 208 5.40 -6.09 -24.04
C LEU B 208 5.36 -4.81 -24.87
N GLU B 209 4.38 -3.94 -24.63
CA GLU B 209 4.37 -2.64 -25.30
C GLU B 209 5.60 -1.83 -24.90
N LEU B 210 5.99 -1.88 -23.63
CA LEU B 210 7.17 -1.13 -23.19
C LEU B 210 8.44 -1.66 -23.83
N LEU B 211 8.56 -2.99 -23.95
CA LEU B 211 9.77 -3.58 -24.53
C LEU B 211 9.85 -3.31 -26.03
N SER B 212 8.75 -3.55 -26.75
CA SER B 212 8.75 -3.50 -28.20
C SER B 212 8.29 -2.16 -28.76
N GLY B 213 7.44 -1.43 -28.03
CA GLY B 213 6.84 -0.24 -28.59
C GLY B 213 5.76 -0.50 -29.61
N ARG B 214 5.38 -1.75 -29.81
CA ARG B 214 4.40 -2.11 -30.81
C ARG B 214 2.99 -1.94 -30.27
N GLU B 215 2.02 -1.89 -31.19
CA GLU B 215 0.62 -1.86 -30.83
C GLU B 215 0.17 -3.25 -30.39
N VAL B 216 -0.73 -3.29 -29.40
CA VAL B 216 -1.19 -4.56 -28.88
C VAL B 216 -1.77 -5.43 -30.00
N VAL B 217 -2.42 -4.80 -30.97
CA VAL B 217 -2.96 -5.49 -32.13
C VAL B 217 -2.33 -4.86 -33.37
N GLY B 218 -1.42 -5.60 -34.02
CA GLY B 218 -0.72 -5.11 -35.18
C GLY B 218 -1.11 -5.86 -36.46
N SER B 219 -0.45 -5.46 -37.53
CA SER B 219 -0.67 -6.08 -38.84
C SER B 219 0.32 -7.21 -39.03
N ASP B 220 -0.19 -8.42 -39.27
CA ASP B 220 0.67 -9.52 -39.64
C ASP B 220 1.35 -9.19 -40.96
N LYS B 221 2.67 -9.00 -40.94
CA LYS B 221 3.38 -8.58 -42.15
C LYS B 221 3.93 -9.74 -42.96
N SER B 222 4.38 -10.82 -42.30
CA SER B 222 4.81 -11.99 -43.04
C SER B 222 3.70 -12.53 -43.91
N ASN B 223 2.50 -12.66 -43.33
CA ASN B 223 1.30 -13.00 -44.09
C ASN B 223 0.60 -11.72 -44.52
N GLY B 224 0.32 -11.60 -45.81
CA GLY B 224 -0.19 -10.37 -46.37
C GLY B 224 -1.42 -9.79 -45.70
N LEU B 225 -2.10 -10.58 -44.87
CA LEU B 225 -3.35 -10.16 -44.25
C LEU B 225 -3.39 -10.64 -42.81
N GLY B 226 -4.47 -10.31 -42.12
CA GLY B 226 -4.70 -10.75 -40.76
C GLY B 226 -4.03 -9.85 -39.73
N ASP B 227 -4.50 -9.97 -38.49
CA ASP B 227 -3.95 -9.25 -37.36
C ASP B 227 -2.95 -10.12 -36.60
N GLN B 228 -2.09 -9.47 -35.83
CA GLN B 228 -1.08 -10.14 -35.02
C GLN B 228 -1.17 -9.61 -33.60
N LEU B 229 -1.48 -10.49 -32.66
CA LEU B 229 -1.64 -10.09 -31.27
C LEU B 229 -0.28 -10.02 -30.57
N LEU B 230 -0.07 -8.96 -29.80
CA LEU B 230 1.21 -8.77 -29.13
C LEU B 230 1.46 -9.87 -28.10
N ALA B 231 0.43 -10.27 -27.35
CA ALA B 231 0.59 -11.30 -26.34
C ALA B 231 1.09 -12.60 -26.96
N SER B 232 0.70 -12.90 -28.20
CA SER B 232 1.09 -14.15 -28.82
C SER B 232 2.48 -14.09 -29.44
N THR B 233 2.92 -12.89 -29.86
CA THR B 233 4.24 -12.78 -30.47
C THR B 233 5.36 -13.08 -29.48
N VAL B 234 5.15 -12.80 -28.19
CA VAL B 234 6.18 -13.09 -27.20
C VAL B 234 6.44 -14.59 -27.12
N ASN B 235 5.40 -15.40 -27.31
CA ASN B 235 5.60 -16.85 -27.31
C ASN B 235 6.54 -17.27 -28.43
N GLN B 236 6.29 -16.78 -29.65
CA GLN B 236 7.17 -17.09 -30.77
C GLN B 236 8.59 -16.60 -30.51
N VAL B 237 8.72 -15.41 -29.91
CA VAL B 237 10.05 -14.83 -29.72
C VAL B 237 10.85 -15.60 -28.71
N LEU B 238 10.21 -16.16 -27.68
CA LEU B 238 10.91 -16.86 -26.62
C LEU B 238 10.88 -18.38 -26.77
N GLU B 239 10.27 -18.89 -27.83
CA GLU B 239 10.22 -20.33 -28.06
C GLU B 239 11.44 -20.79 -28.85
N GLY B 240 11.88 -22.02 -28.58
CA GLY B 240 12.93 -22.63 -29.36
C GLY B 240 14.28 -21.96 -29.19
N ASP B 241 15.07 -22.01 -30.25
CA ASP B 241 16.44 -21.50 -30.25
C ASP B 241 16.52 -20.16 -30.96
N ASN B 242 17.67 -19.50 -30.82
CA ASN B 242 17.93 -18.21 -31.44
C ASN B 242 17.07 -17.10 -30.86
N VAL B 243 16.77 -17.19 -29.56
CA VAL B 243 15.96 -16.17 -28.91
C VAL B 243 16.69 -14.84 -28.85
N ARG B 244 18.03 -14.87 -28.87
CA ARG B 244 18.80 -13.63 -28.86
C ARG B 244 18.44 -12.76 -30.05
N GLU B 245 18.63 -13.27 -31.27
CA GLU B 245 18.29 -12.50 -32.46
C GLU B 245 16.83 -12.09 -32.45
N LYS B 246 15.94 -13.04 -32.16
CA LYS B 246 14.51 -12.74 -32.19
C LYS B 246 14.16 -11.66 -31.17
N LEU B 247 14.76 -11.72 -29.97
CA LEU B 247 14.49 -10.70 -28.97
C LEU B 247 15.02 -9.34 -29.41
N ARG B 248 16.26 -9.30 -29.92
CA ARG B 248 16.83 -8.04 -30.37
C ARG B 248 15.97 -7.43 -31.48
N GLY B 249 15.46 -8.25 -32.39
CA GLY B 249 14.56 -7.74 -33.41
C GLY B 249 13.21 -7.32 -32.87
N PHE B 250 12.77 -7.97 -31.78
CA PHE B 250 11.49 -7.63 -31.18
C PHE B 250 11.57 -6.36 -30.35
N MET B 251 12.73 -6.06 -29.77
CA MET B 251 12.88 -4.87 -28.93
C MET B 251 12.60 -3.61 -29.73
N ASP B 252 12.07 -2.60 -29.04
CA ASP B 252 11.71 -1.34 -29.67
C ASP B 252 12.93 -0.73 -30.37
N PRO B 253 12.85 -0.42 -31.67
CA PRO B 253 14.00 0.20 -32.33
C PRO B 253 14.39 1.53 -31.72
N ASN B 254 13.43 2.29 -31.20
CA ASN B 254 13.75 3.60 -30.63
C ASN B 254 14.74 3.51 -29.46
N LEU B 255 14.79 2.37 -28.78
CA LEU B 255 15.80 2.16 -27.75
C LEU B 255 17.20 2.01 -28.31
N ARG B 256 17.36 1.99 -29.63
CA ARG B 256 18.64 1.72 -30.25
C ARG B 256 19.23 0.45 -29.64
N ASP B 257 20.44 0.54 -29.08
CA ASP B 257 21.03 -0.55 -28.33
C ASP B 257 21.32 -0.15 -26.89
N GLU B 258 20.62 0.85 -26.38
CA GLU B 258 20.86 1.38 -25.04
C GLU B 258 19.91 0.71 -24.03
N TYR B 259 20.09 -0.60 -23.88
CA TYR B 259 19.33 -1.38 -22.92
C TYR B 259 20.08 -2.67 -22.67
N PRO B 260 19.98 -3.25 -21.47
CA PRO B 260 20.60 -4.56 -21.21
C PRO B 260 19.75 -5.67 -21.79
N LEU B 261 20.32 -6.42 -22.74
CA LEU B 261 19.57 -7.47 -23.42
C LEU B 261 19.14 -8.56 -22.46
N ASP B 262 20.08 -9.03 -21.61
CA ASP B 262 19.74 -10.09 -20.67
C ASP B 262 18.60 -9.68 -19.76
N LEU B 263 18.60 -8.42 -19.30
CA LEU B 263 17.50 -7.94 -18.47
C LEU B 263 16.23 -7.77 -19.29
N ALA B 264 16.36 -7.30 -20.53
CA ALA B 264 15.20 -7.26 -21.42
C ALA B 264 14.60 -8.64 -21.61
N PHE B 265 15.46 -9.66 -21.74
CA PHE B 265 14.98 -11.04 -21.80
C PHE B 265 14.18 -11.39 -20.54
N SER B 266 14.75 -11.08 -19.37
CA SER B 266 14.03 -11.32 -18.12
C SER B 266 12.67 -10.64 -18.12
N MET B 267 12.61 -9.39 -18.60
CA MET B 267 11.34 -8.68 -18.61
C MET B 267 10.37 -9.27 -19.62
N ALA B 268 10.88 -9.77 -20.75
CA ALA B 268 10.03 -10.48 -21.69
C ALA B 268 9.60 -11.84 -21.14
N GLU B 269 10.46 -12.47 -20.33
CA GLU B 269 10.11 -13.76 -19.75
C GLU B 269 8.93 -13.63 -18.78
N ILE B 270 9.00 -12.66 -17.87
CA ILE B 270 7.91 -12.46 -16.92
C ILE B 270 6.65 -12.02 -17.65
N ALA B 271 6.79 -11.15 -18.67
CA ALA B 271 5.65 -10.75 -19.47
C ALA B 271 5.03 -11.94 -20.18
N LYS B 272 5.87 -12.88 -20.64
CA LYS B 272 5.34 -14.09 -21.25
C LYS B 272 4.48 -14.87 -20.26
N ARG B 273 4.97 -15.03 -19.02
CA ARG B 273 4.20 -15.75 -18.02
C ARG B 273 2.91 -15.02 -17.68
N CYS B 274 2.90 -13.69 -17.80
CA CYS B 274 1.71 -12.91 -17.46
C CYS B 274 0.58 -13.12 -18.47
N VAL B 275 0.94 -13.35 -19.73
CA VAL B 275 -0.02 -13.58 -20.78
C VAL B 275 -0.29 -15.08 -20.99
N ALA B 276 0.05 -15.92 -20.01
CA ALA B 276 -0.21 -17.35 -20.14
C ALA B 276 -1.70 -17.63 -20.26
N ARG B 277 -2.07 -18.47 -21.23
CA ARG B 277 -3.49 -18.77 -21.44
C ARG B 277 -4.16 -19.31 -20.18
N ASP B 278 -3.42 -20.07 -19.37
CA ASP B 278 -3.94 -20.61 -18.12
C ASP B 278 -3.75 -19.59 -17.01
N LEU B 279 -4.86 -19.12 -16.43
CA LEU B 279 -4.77 -18.07 -15.42
C LEU B 279 -3.89 -18.49 -14.25
N ASN B 280 -3.95 -19.77 -13.86
CA ASN B 280 -3.16 -20.24 -12.73
C ASN B 280 -1.67 -20.30 -13.05
N SER B 281 -1.28 -20.25 -14.32
CA SER B 281 0.13 -20.21 -14.67
C SER B 281 0.71 -18.80 -14.55
N ARG B 282 -0.11 -17.79 -14.79
CA ARG B 282 0.35 -16.42 -14.60
C ARG B 282 0.78 -16.23 -13.15
N PRO B 283 1.82 -15.44 -12.89
CA PRO B 283 2.28 -15.23 -11.52
C PRO B 283 1.39 -14.23 -10.79
N ASN B 284 1.59 -14.18 -9.48
CA ASN B 284 0.95 -13.15 -8.68
C ASN B 284 1.62 -11.80 -8.96
N VAL B 285 0.83 -10.73 -8.89
CA VAL B 285 1.38 -9.41 -9.17
C VAL B 285 2.52 -9.09 -8.22
N SER B 286 2.43 -9.57 -6.98
CA SER B 286 3.52 -9.35 -6.03
C SER B 286 4.82 -9.96 -6.51
N GLU B 287 4.74 -11.08 -7.24
CA GLU B 287 5.94 -11.67 -7.82
C GLU B 287 6.48 -10.81 -8.94
N VAL B 288 5.60 -10.35 -9.83
CA VAL B 288 6.03 -9.45 -10.91
C VAL B 288 6.65 -8.18 -10.34
N PHE B 289 6.02 -7.61 -9.31
CA PHE B 289 6.56 -6.41 -8.68
C PHE B 289 7.95 -6.65 -8.12
N MET B 290 8.23 -7.89 -7.69
CA MET B 290 9.57 -8.20 -7.19
C MET B 290 10.57 -8.36 -8.34
N ILE B 291 10.14 -8.95 -9.45
CA ILE B 291 11.04 -9.14 -10.58
C ILE B 291 11.46 -7.80 -11.16
N LEU B 292 10.50 -6.89 -11.36
CA LEU B 292 10.82 -5.58 -11.90
C LEU B 292 11.70 -4.80 -10.93
N SER B 293 11.43 -4.90 -9.62
CA SER B 293 12.23 -4.19 -8.63
C SER B 293 13.69 -4.64 -8.67
N LYS B 294 13.92 -5.95 -8.78
CA LYS B 294 15.29 -6.46 -8.85
C LYS B 294 15.92 -6.19 -10.21
N ILE B 295 15.11 -6.08 -11.26
CA ILE B 295 15.64 -5.65 -12.56
C ILE B 295 16.12 -4.20 -12.47
N GLN B 296 15.36 -3.35 -11.78
CA GLN B 296 15.71 -1.94 -11.67
C GLN B 296 16.83 -1.70 -10.67
N SER B 297 16.97 -2.59 -9.68
CA SER B 297 18.02 -2.48 -8.67
C SER B 297 18.11 -1.07 -8.11
#